data_2EAV
#
_entry.id   2EAV
#
_cell.length_a   127.435
_cell.length_b   56.785
_cell.length_c   36.761
_cell.angle_alpha   90.00
_cell.angle_beta   90.00
_cell.angle_gamma   90.00
#
_symmetry.space_group_name_H-M   'P 21 21 2'
#
loop_
_entity.id
_entity.type
_entity.pdbx_description
1 polymer 'Peptidoglycan recognition protein-I-beta'
2 non-polymer 'NICKEL (II) ION'
3 water water
#
_entity_poly.entity_id   1
_entity_poly.type   'polypeptide(L)'
_entity_poly.pdbx_seq_one_letter_code
;ACPGIVPRSVWGARETHCPRMTLPAKYGIIIHTAGRTCNISDECRLLVRDIQSFYIDRLKSCDIGYNFLVGQDGAIYEGV
GWNVQGSSTPGYDDIALGITFMGTFTGIPPNAAALEAAQDLIQCAMVKGYLTPNYLLVGHSDVARTLSPGQALYNIISTW
PHFKH
;
_entity_poly.pdbx_strand_id   A,B
#
loop_
_chem_comp.id
_chem_comp.type
_chem_comp.name
_chem_comp.formula
NI non-polymer 'NICKEL (II) ION' 'Ni 2'
#
# COMPACT_ATOMS: atom_id res chain seq x y z
N CYS A 2 3.80 4.67 -11.21
CA CYS A 2 3.80 6.05 -10.62
C CYS A 2 2.63 6.85 -11.15
N PRO A 3 1.81 7.41 -10.25
CA PRO A 3 0.62 8.20 -10.60
C PRO A 3 0.82 9.53 -11.31
N GLY A 4 -0.28 10.05 -11.84
CA GLY A 4 -0.23 11.34 -12.49
C GLY A 4 -0.29 12.37 -11.38
N ILE A 5 0.30 13.53 -11.61
CA ILE A 5 0.31 14.58 -10.62
C ILE A 5 -0.05 15.88 -11.30
N VAL A 6 -1.11 16.53 -10.85
CA VAL A 6 -1.48 17.81 -11.46
C VAL A 6 -0.56 18.87 -10.87
N PRO A 7 0.30 19.43 -11.72
CA PRO A 7 1.26 20.47 -11.31
C PRO A 7 0.72 21.83 -10.88
N ARG A 8 1.58 22.57 -10.17
CA ARG A 8 1.24 23.89 -9.70
C ARG A 8 0.78 24.78 -10.85
N SER A 9 1.36 24.58 -12.03
CA SER A 9 0.99 25.40 -13.18
C SER A 9 -0.47 25.18 -13.58
N VAL A 10 -1.02 24.03 -13.20
CA VAL A 10 -2.40 23.73 -13.56
C VAL A 10 -3.43 24.26 -12.56
N TRP A 11 -3.19 24.09 -11.26
CA TRP A 11 -4.18 24.60 -10.31
C TRP A 11 -4.02 26.08 -10.03
N GLY A 12 -3.03 26.69 -10.66
CA GLY A 12 -2.82 28.12 -10.49
C GLY A 12 -2.06 28.55 -9.26
N ALA A 13 -0.94 27.90 -9.01
CA ALA A 13 -0.13 28.22 -7.84
C ALA A 13 0.59 29.55 -8.02
N ARG A 14 0.75 30.27 -6.91
CA ARG A 14 1.46 31.54 -6.92
C ARG A 14 2.94 31.19 -6.96
N GLU A 15 3.72 31.92 -7.76
CA GLU A 15 5.15 31.68 -7.88
C GLU A 15 5.90 32.09 -6.62
N THR A 16 6.82 31.23 -6.17
CA THR A 16 7.61 31.52 -4.98
C THR A 16 9.05 31.11 -5.17
N HIS A 17 9.73 30.88 -4.04
CA HIS A 17 11.12 30.46 -4.01
C HIS A 17 11.49 30.21 -2.55
N CYS A 18 11.21 28.98 -2.12
CA CYS A 18 11.45 28.57 -0.74
C CYS A 18 12.62 27.61 -0.60
N PRO A 19 12.96 27.23 0.64
CA PRO A 19 14.06 26.30 0.89
C PRO A 19 13.95 25.03 0.06
N ARG A 20 15.01 24.73 -0.69
CA ARG A 20 15.05 23.54 -1.51
C ARG A 20 15.35 22.33 -0.62
N MET A 21 14.94 21.15 -1.07
CA MET A 21 15.17 19.91 -0.35
C MET A 21 15.80 18.85 -1.24
N THR A 22 16.88 18.25 -0.77
CA THR A 22 17.55 17.21 -1.54
C THR A 22 17.08 15.81 -1.11
N LEU A 23 16.69 15.00 -2.09
CA LEU A 23 16.22 13.66 -1.84
C LEU A 23 17.41 12.69 -1.74
N PRO A 24 17.17 11.44 -1.31
CA PRO A 24 15.90 10.85 -0.91
C PRO A 24 15.45 11.32 0.46
N ALA A 25 14.15 11.25 0.73
CA ALA A 25 13.63 11.64 2.03
C ALA A 25 13.55 10.40 2.89
N LYS A 26 13.91 10.53 4.15
CA LYS A 26 13.88 9.40 5.07
C LYS A 26 12.52 9.23 5.72
N TYR A 27 11.62 10.17 5.44
CA TYR A 27 10.29 10.13 6.03
C TYR A 27 9.16 10.41 5.05
N GLY A 28 8.03 9.79 5.33
CA GLY A 28 6.82 9.98 4.56
C GLY A 28 5.80 10.26 5.65
N ILE A 29 5.29 11.49 5.71
CA ILE A 29 4.32 11.88 6.74
C ILE A 29 2.95 12.17 6.16
N ILE A 30 1.94 11.48 6.67
CA ILE A 30 0.58 11.67 6.18
C ILE A 30 -0.12 12.74 7.00
N ILE A 31 -0.78 13.66 6.30
CA ILE A 31 -1.48 14.77 6.94
C ILE A 31 -2.89 14.94 6.38
N HIS A 32 -3.72 15.68 7.11
CA HIS A 32 -5.06 16.01 6.64
C HIS A 32 -5.14 17.52 6.88
N THR A 33 -5.83 18.22 5.98
CA THR A 33 -5.95 19.66 6.10
C THR A 33 -6.84 20.08 7.26
N ALA A 34 -7.69 19.16 7.71
CA ALA A 34 -8.63 19.42 8.80
C ALA A 34 -9.70 20.39 8.29
N GLY A 35 -9.66 20.65 6.99
CA GLY A 35 -10.63 21.53 6.39
C GLY A 35 -11.58 20.75 5.52
N ARG A 36 -12.17 21.43 4.54
CA ARG A 36 -13.13 20.82 3.61
C ARG A 36 -12.45 19.89 2.62
N THR A 37 -13.24 19.01 2.02
CA THR A 37 -12.73 18.09 1.02
C THR A 37 -13.22 18.55 -0.35
N CYS A 38 -12.78 17.84 -1.40
CA CYS A 38 -13.20 18.16 -2.76
C CYS A 38 -13.25 16.82 -3.47
N ASN A 39 -14.16 16.67 -4.43
CA ASN A 39 -14.23 15.41 -5.16
C ASN A 39 -14.35 15.53 -6.68
N ILE A 40 -13.76 16.59 -7.24
CA ILE A 40 -13.71 16.82 -8.68
C ILE A 40 -12.59 17.80 -8.99
N SER A 41 -11.97 17.61 -10.15
CA SER A 41 -10.87 18.43 -10.62
C SER A 41 -10.97 19.92 -10.27
N ASP A 42 -11.84 20.64 -10.97
CA ASP A 42 -12.03 22.07 -10.75
C ASP A 42 -12.08 22.45 -9.27
N GLU A 43 -12.96 21.76 -8.55
CA GLU A 43 -13.17 21.98 -7.13
C GLU A 43 -11.84 21.79 -6.39
N CYS A 44 -11.22 20.63 -6.57
CA CYS A 44 -9.95 20.34 -5.92
C CYS A 44 -8.87 21.36 -6.23
N ARG A 45 -8.77 21.80 -7.48
CA ARG A 45 -7.78 22.79 -7.86
C ARG A 45 -7.96 24.09 -7.09
N LEU A 46 -9.21 24.49 -6.89
CA LEU A 46 -9.50 25.71 -6.14
C LEU A 46 -9.14 25.52 -4.67
N LEU A 47 -9.35 24.31 -4.17
CA LEU A 47 -9.08 24.03 -2.77
C LEU A 47 -7.57 24.09 -2.49
N VAL A 48 -6.75 23.63 -3.43
CA VAL A 48 -5.30 23.68 -3.22
C VAL A 48 -4.86 25.13 -3.26
N ARG A 49 -5.48 25.90 -4.15
CA ARG A 49 -5.21 27.31 -4.31
C ARG A 49 -5.56 28.04 -3.02
N ASP A 50 -6.71 27.68 -2.43
CA ASP A 50 -7.12 28.29 -1.18
C ASP A 50 -6.11 27.97 -0.08
N ILE A 51 -5.72 26.70 0.01
CA ILE A 51 -4.77 26.26 1.03
C ILE A 51 -3.44 27.01 0.91
N GLN A 52 -2.96 27.20 -0.32
CA GLN A 52 -1.70 27.90 -0.53
C GLN A 52 -1.80 29.34 -0.04
N SER A 53 -2.82 30.05 -0.52
CA SER A 53 -3.01 31.43 -0.13
C SER A 53 -3.03 31.54 1.38
N PHE A 54 -3.64 30.56 2.02
CA PHE A 54 -3.73 30.53 3.47
C PHE A 54 -2.33 30.47 4.06
N TYR A 55 -1.49 29.61 3.50
CA TYR A 55 -0.13 29.46 3.99
C TYR A 55 0.69 30.73 3.81
N ILE A 56 0.47 31.43 2.71
CA ILE A 56 1.20 32.65 2.42
C ILE A 56 0.65 33.85 3.19
N ASP A 57 -0.66 34.05 3.10
CA ASP A 57 -1.34 35.19 3.71
C ASP A 57 -1.58 35.20 5.22
N ARG A 58 -2.26 34.18 5.73
CA ARG A 58 -2.56 34.12 7.16
C ARG A 58 -1.35 33.73 7.99
N LEU A 59 -0.76 32.59 7.69
CA LEU A 59 0.39 32.07 8.41
C LEU A 59 1.73 32.70 7.98
N LYS A 60 1.76 33.32 6.81
CA LYS A 60 2.98 33.93 6.31
C LYS A 60 4.05 32.86 6.11
N SER A 61 3.62 31.72 5.60
CA SER A 61 4.55 30.64 5.34
C SER A 61 5.11 30.98 3.96
N CYS A 62 6.25 30.38 3.61
CA CYS A 62 6.87 30.66 2.32
C CYS A 62 6.05 30.09 1.16
N ASP A 63 5.31 29.03 1.43
CA ASP A 63 4.45 28.43 0.42
C ASP A 63 3.55 27.42 1.12
N ILE A 64 2.78 26.68 0.33
CA ILE A 64 1.90 25.68 0.89
C ILE A 64 2.80 24.74 1.69
N GLY A 65 2.37 24.37 2.88
CA GLY A 65 3.20 23.54 3.73
C GLY A 65 3.32 22.05 3.44
N TYR A 66 2.76 21.60 2.32
CA TYR A 66 2.80 20.18 1.99
C TYR A 66 3.45 19.89 0.65
N ASN A 67 4.17 18.77 0.58
CA ASN A 67 4.82 18.37 -0.65
C ASN A 67 3.77 17.96 -1.69
N PHE A 68 2.74 17.24 -1.24
CA PHE A 68 1.67 16.81 -2.11
C PHE A 68 0.32 16.72 -1.40
N LEU A 69 -0.75 16.85 -2.17
CA LEU A 69 -2.08 16.77 -1.60
C LEU A 69 -2.89 15.76 -2.40
N VAL A 70 -3.83 15.10 -1.74
CA VAL A 70 -4.67 14.10 -2.40
C VAL A 70 -6.14 14.46 -2.29
N GLY A 71 -6.74 14.80 -3.41
CA GLY A 71 -8.15 15.18 -3.42
C GLY A 71 -8.98 13.91 -3.42
N GLN A 72 -10.24 14.01 -2.99
CA GLN A 72 -11.08 12.83 -2.97
C GLN A 72 -11.67 12.54 -4.32
N ASP A 73 -11.00 13.07 -5.33
CA ASP A 73 -11.37 12.83 -6.71
C ASP A 73 -10.42 11.70 -7.17
N GLY A 74 -9.42 11.42 -6.34
CA GLY A 74 -8.45 10.38 -6.66
C GLY A 74 -7.24 10.94 -7.38
N ALA A 75 -7.08 12.25 -7.32
CA ALA A 75 -5.97 12.91 -7.97
C ALA A 75 -4.92 13.41 -6.98
N ILE A 76 -3.67 13.35 -7.41
CA ILE A 76 -2.55 13.82 -6.60
C ILE A 76 -2.18 15.20 -7.12
N TYR A 77 -2.22 16.19 -6.25
CA TYR A 77 -1.89 17.54 -6.61
C TYR A 77 -0.54 17.92 -6.02
N GLU A 78 0.32 18.48 -6.86
CA GLU A 78 1.64 18.90 -6.42
C GLU A 78 1.56 20.06 -5.44
N GLY A 79 2.10 19.88 -4.24
CA GLY A 79 2.12 20.95 -3.27
C GLY A 79 3.39 21.70 -3.60
N VAL A 80 4.37 21.69 -2.71
CA VAL A 80 5.62 22.37 -3.04
C VAL A 80 6.37 21.44 -3.99
N GLY A 81 5.95 20.17 -4.01
CA GLY A 81 6.58 19.21 -4.91
C GLY A 81 7.73 18.40 -4.34
N TRP A 82 8.39 17.67 -5.25
CA TRP A 82 9.51 16.81 -4.89
C TRP A 82 10.74 17.49 -4.32
N ASN A 83 11.21 18.52 -5.02
CA ASN A 83 12.44 19.22 -4.66
C ASN A 83 12.37 20.36 -3.65
N VAL A 84 11.17 20.76 -3.26
CA VAL A 84 11.07 21.84 -2.30
C VAL A 84 10.55 21.37 -0.94
N GLN A 85 11.11 21.99 0.10
CA GLN A 85 10.80 21.68 1.48
C GLN A 85 9.38 22.04 1.90
N GLY A 86 8.78 21.16 2.69
CA GLY A 86 7.45 21.42 3.20
C GLY A 86 7.69 22.19 4.47
N SER A 87 6.63 22.55 5.18
CA SER A 87 6.78 23.27 6.42
C SER A 87 5.63 22.94 7.34
N SER A 88 5.45 21.66 7.64
CA SER A 88 4.34 21.26 8.49
C SER A 88 4.81 20.48 9.69
N THR A 89 6.00 19.90 9.59
CA THR A 89 6.50 19.09 10.69
C THR A 89 7.84 19.57 11.23
N PRO A 90 7.80 20.47 12.21
CA PRO A 90 9.00 21.03 12.84
C PRO A 90 10.01 19.95 13.16
N GLY A 91 11.21 20.10 12.63
CA GLY A 91 12.27 19.14 12.88
C GLY A 91 12.43 18.09 11.78
N TYR A 92 11.37 17.82 11.04
CA TYR A 92 11.37 16.82 9.97
C TYR A 92 11.30 17.33 8.53
N ASP A 93 10.64 18.46 8.34
CA ASP A 93 10.42 19.03 7.01
C ASP A 93 11.46 18.77 5.91
N ASP A 94 12.73 18.97 6.20
CA ASP A 94 13.74 18.79 5.16
C ASP A 94 14.20 17.36 4.93
N ILE A 95 13.59 16.39 5.61
CA ILE A 95 13.96 15.00 5.43
C ILE A 95 12.72 14.12 5.33
N ALA A 96 11.61 14.75 4.99
CA ALA A 96 10.36 14.02 4.88
C ALA A 96 9.52 14.59 3.76
N LEU A 97 8.63 13.76 3.23
CA LEU A 97 7.72 14.16 2.17
C LEU A 97 6.35 14.24 2.82
N GLY A 98 5.81 15.45 2.91
CA GLY A 98 4.50 15.63 3.51
C GLY A 98 3.40 15.36 2.50
N ILE A 99 2.63 14.32 2.76
CA ILE A 99 1.53 13.96 1.89
C ILE A 99 0.26 14.09 2.67
N THR A 100 -0.55 15.07 2.26
CA THR A 100 -1.78 15.33 2.96
C THR A 100 -3.05 15.20 2.14
N PHE A 101 -4.06 14.63 2.77
CA PHE A 101 -5.34 14.44 2.15
C PHE A 101 -6.12 15.72 2.44
N MET A 102 -6.93 16.15 1.49
CA MET A 102 -7.74 17.35 1.67
C MET A 102 -9.08 16.93 2.26
N GLY A 103 -9.38 17.46 3.45
CA GLY A 103 -10.61 17.11 4.13
C GLY A 103 -10.35 16.87 5.60
N THR A 104 -11.35 16.39 6.31
CA THR A 104 -11.23 16.14 7.74
C THR A 104 -11.65 14.70 7.97
N PHE A 105 -10.66 13.86 8.26
CA PHE A 105 -10.90 12.43 8.44
C PHE A 105 -10.67 11.87 9.83
N THR A 106 -11.26 12.54 10.82
CA THR A 106 -11.14 12.11 12.20
C THR A 106 -12.14 10.97 12.44
N GLY A 107 -13.36 11.15 11.94
CA GLY A 107 -14.38 10.13 12.12
C GLY A 107 -14.64 9.26 10.92
N ILE A 108 -14.09 9.63 9.76
CA ILE A 108 -14.28 8.84 8.53
C ILE A 108 -13.05 8.99 7.64
N PRO A 109 -12.56 7.88 7.07
CA PRO A 109 -11.39 7.91 6.19
C PRO A 109 -11.70 8.34 4.76
N PRO A 110 -10.68 8.81 4.03
CA PRO A 110 -10.91 9.23 2.64
C PRO A 110 -11.42 8.04 1.83
N ASN A 111 -12.13 8.31 0.75
CA ASN A 111 -12.65 7.23 -0.08
C ASN A 111 -11.48 6.41 -0.61
N ALA A 112 -11.78 5.24 -1.17
CA ALA A 112 -10.75 4.35 -1.69
C ALA A 112 -9.88 5.01 -2.75
N ALA A 113 -10.50 5.73 -3.66
CA ALA A 113 -9.75 6.39 -4.73
C ALA A 113 -8.57 7.17 -4.17
N ALA A 114 -8.84 8.01 -3.17
CA ALA A 114 -7.79 8.82 -2.57
C ALA A 114 -6.69 7.95 -1.96
N LEU A 115 -7.10 7.02 -1.10
CA LEU A 115 -6.15 6.13 -0.46
C LEU A 115 -5.26 5.44 -1.50
N GLU A 116 -5.85 4.93 -2.58
CA GLU A 116 -5.07 4.25 -3.60
C GLU A 116 -3.99 5.16 -4.19
N ALA A 117 -4.38 6.38 -4.54
CA ALA A 117 -3.46 7.33 -5.14
C ALA A 117 -2.30 7.71 -4.25
N ALA A 118 -2.55 7.86 -2.95
CA ALA A 118 -1.50 8.22 -2.02
C ALA A 118 -0.46 7.11 -1.97
N GLN A 119 -0.93 5.87 -1.80
CA GLN A 119 -0.02 4.73 -1.72
C GLN A 119 0.71 4.53 -3.03
N ASP A 120 0.00 4.72 -4.13
CA ASP A 120 0.60 4.55 -5.44
C ASP A 120 1.74 5.56 -5.50
N LEU A 121 1.49 6.73 -4.93
CA LEU A 121 2.49 7.79 -4.89
C LEU A 121 3.62 7.38 -3.97
N ILE A 122 3.28 6.79 -2.82
CA ILE A 122 4.31 6.36 -1.87
C ILE A 122 5.18 5.31 -2.53
N GLN A 123 4.55 4.22 -2.97
CA GLN A 123 5.29 3.13 -3.59
C GLN A 123 6.21 3.68 -4.69
N CYS A 124 5.66 4.55 -5.55
CA CYS A 124 6.44 5.14 -6.63
C CYS A 124 7.72 5.76 -6.11
N ALA A 125 7.55 6.73 -5.21
CA ALA A 125 8.67 7.45 -4.61
C ALA A 125 9.78 6.55 -4.12
N MET A 126 9.40 5.46 -3.44
CA MET A 126 10.42 4.53 -2.92
C MET A 126 11.11 3.85 -4.10
N VAL A 127 10.32 3.28 -5.00
CA VAL A 127 10.86 2.60 -6.17
C VAL A 127 11.85 3.48 -6.94
N LYS A 128 11.51 4.75 -7.10
CA LYS A 128 12.37 5.68 -7.82
C LYS A 128 13.45 6.33 -6.96
N GLY A 129 13.60 5.86 -5.74
CA GLY A 129 14.63 6.39 -4.87
C GLY A 129 14.40 7.74 -4.22
N TYR A 130 13.23 8.32 -4.41
CA TYR A 130 12.95 9.59 -3.79
C TYR A 130 12.78 9.40 -2.29
N LEU A 131 12.25 8.24 -1.90
CA LEU A 131 12.12 7.92 -0.48
C LEU A 131 13.22 6.88 -0.32
N THR A 132 13.82 6.78 0.85
CA THR A 132 14.87 5.80 1.05
C THR A 132 14.28 4.41 1.01
N PRO A 133 15.14 3.40 0.72
CA PRO A 133 14.70 2.00 0.64
C PRO A 133 13.87 1.60 1.85
N ASN A 134 14.37 1.92 3.04
CA ASN A 134 13.67 1.59 4.28
C ASN A 134 13.05 2.83 4.91
N TYR A 135 12.31 3.59 4.10
CA TYR A 135 11.69 4.79 4.59
C TYR A 135 10.72 4.49 5.74
N LEU A 136 10.54 5.48 6.62
CA LEU A 136 9.63 5.37 7.72
C LEU A 136 8.34 6.09 7.34
N LEU A 137 7.21 5.46 7.66
CA LEU A 137 5.90 6.04 7.36
C LEU A 137 5.33 6.44 8.70
N VAL A 138 4.78 7.64 8.76
CA VAL A 138 4.20 8.11 10.02
C VAL A 138 3.08 9.08 9.76
N GLY A 139 2.18 9.18 10.74
CA GLY A 139 1.07 10.11 10.66
C GLY A 139 1.57 11.41 11.28
N HIS A 140 0.95 12.52 10.95
CA HIS A 140 1.35 13.82 11.49
C HIS A 140 1.45 13.70 13.01
N SER A 141 0.40 13.14 13.62
CA SER A 141 0.34 12.99 15.06
C SER A 141 1.48 12.21 15.73
N ASP A 142 2.19 11.38 14.97
CA ASP A 142 3.27 10.59 15.56
C ASP A 142 4.54 11.39 15.88
N VAL A 143 4.83 12.41 15.09
CA VAL A 143 6.02 13.22 15.33
C VAL A 143 5.69 14.63 15.81
N ALA A 144 4.52 15.14 15.43
CA ALA A 144 4.12 16.47 15.84
C ALA A 144 2.91 16.38 16.74
N ARG A 145 2.74 17.36 17.62
CA ARG A 145 1.60 17.36 18.53
C ARG A 145 0.45 18.00 17.78
N THR A 146 -0.49 17.17 17.36
CA THR A 146 -1.65 17.62 16.60
C THR A 146 -2.61 16.45 16.43
N LEU A 147 -3.85 16.78 16.08
CA LEU A 147 -4.87 15.77 15.87
C LEU A 147 -4.70 15.11 14.50
N SER A 148 -4.05 15.82 13.59
CA SER A 148 -3.78 15.36 12.24
C SER A 148 -3.13 13.97 12.26
N PRO A 149 -3.53 13.09 11.34
CA PRO A 149 -4.54 13.34 10.30
C PRO A 149 -5.92 12.71 10.57
N GLY A 150 -6.28 12.58 11.84
CA GLY A 150 -7.58 12.01 12.18
C GLY A 150 -7.48 10.54 12.54
N GLN A 151 -8.18 10.15 13.61
CA GLN A 151 -8.16 8.77 14.07
C GLN A 151 -8.54 7.81 12.95
N ALA A 152 -9.61 8.13 12.23
CA ALA A 152 -10.08 7.27 11.15
C ALA A 152 -8.98 7.01 10.12
N LEU A 153 -8.32 8.08 9.69
CA LEU A 153 -7.25 7.96 8.71
C LEU A 153 -6.05 7.27 9.35
N TYR A 154 -5.79 7.59 10.62
CA TYR A 154 -4.68 6.99 11.34
C TYR A 154 -4.84 5.47 11.39
N ASN A 155 -6.08 5.02 11.55
CA ASN A 155 -6.38 3.60 11.62
C ASN A 155 -5.92 2.87 10.36
N ILE A 156 -6.04 3.54 9.22
CA ILE A 156 -5.66 2.95 7.95
C ILE A 156 -4.16 2.92 7.70
N ILE A 157 -3.51 4.08 7.79
CA ILE A 157 -2.07 4.11 7.53
C ILE A 157 -1.23 3.32 8.53
N SER A 158 -1.82 2.97 9.68
CA SER A 158 -1.09 2.21 10.67
C SER A 158 -1.05 0.74 10.26
N THR A 159 -1.55 0.45 9.06
CA THR A 159 -1.55 -0.90 8.54
C THR A 159 -0.72 -0.88 7.27
N TRP A 160 -0.25 0.31 6.90
CA TRP A 160 0.57 0.46 5.70
C TRP A 160 2.01 0.03 5.95
N PRO A 161 2.76 -0.18 4.86
CA PRO A 161 4.17 -0.61 4.89
C PRO A 161 5.12 0.42 5.51
N HIS A 162 6.07 -0.06 6.30
CA HIS A 162 7.07 0.81 6.95
C HIS A 162 6.48 1.76 7.99
N PHE A 163 5.28 1.45 8.46
CA PHE A 163 4.64 2.28 9.46
C PHE A 163 5.43 2.21 10.75
N LYS A 164 6.02 3.34 11.14
CA LYS A 164 6.82 3.45 12.35
C LYS A 164 6.10 2.97 13.60
N HIS A 165 6.72 2.05 14.32
CA HIS A 165 6.12 1.51 15.54
C HIS A 165 6.63 2.23 16.78
N CYS B 2 12.01 -4.97 0.84
CA CYS B 2 11.52 -6.38 0.81
C CYS B 2 11.47 -6.92 2.23
N PRO B 3 10.28 -7.32 2.68
CA PRO B 3 10.15 -7.86 4.04
C PRO B 3 10.84 -9.21 4.11
N GLY B 4 10.98 -9.73 5.33
CA GLY B 4 11.59 -11.03 5.46
C GLY B 4 10.55 -12.03 4.96
N ILE B 5 11.03 -13.09 4.31
CA ILE B 5 10.16 -14.13 3.78
C ILE B 5 10.73 -15.41 4.36
N VAL B 6 9.93 -16.20 5.06
CA VAL B 6 10.47 -17.45 5.59
C VAL B 6 10.44 -18.42 4.42
N PRO B 7 11.62 -18.98 4.07
CA PRO B 7 11.78 -19.92 2.97
C PRO B 7 11.15 -21.29 3.22
N ARG B 8 10.84 -21.99 2.14
CA ARG B 8 10.24 -23.32 2.19
C ARG B 8 10.97 -24.31 3.11
N SER B 9 12.29 -24.17 3.19
CA SER B 9 13.13 -25.05 4.00
C SER B 9 12.83 -24.93 5.47
N VAL B 10 12.40 -23.74 5.89
CA VAL B 10 12.11 -23.49 7.28
C VAL B 10 10.79 -24.14 7.71
N TRP B 11 9.73 -24.02 6.91
CA TRP B 11 8.46 -24.66 7.32
C TRP B 11 8.38 -26.12 6.88
N GLY B 12 9.41 -26.59 6.17
CA GLY B 12 9.47 -27.98 5.76
C GLY B 12 8.74 -28.42 4.51
N ALA B 13 8.80 -27.63 3.45
CA ALA B 13 8.14 -28.00 2.22
C ALA B 13 8.78 -29.27 1.66
N ARG B 14 7.96 -30.14 1.10
CA ARG B 14 8.52 -31.31 0.42
C ARG B 14 9.07 -30.95 -0.95
N GLU B 15 10.21 -31.39 -1.33
CA GLU B 15 10.78 -31.01 -2.64
C GLU B 15 9.85 -31.30 -3.81
N THR B 16 9.98 -30.49 -4.85
CA THR B 16 9.18 -30.62 -6.07
C THR B 16 9.89 -29.85 -7.16
N HIS B 17 9.55 -30.14 -8.41
CA HIS B 17 10.10 -29.46 -9.58
C HIS B 17 8.85 -29.14 -10.37
N CYS B 18 8.39 -27.90 -10.31
CA CYS B 18 7.16 -27.53 -11.01
C CYS B 18 7.31 -26.43 -12.09
N PRO B 19 6.30 -26.31 -12.97
CA PRO B 19 6.32 -25.32 -14.05
C PRO B 19 6.61 -23.91 -13.55
N ARG B 20 7.73 -23.35 -13.98
CA ARG B 20 8.11 -22.01 -13.57
C ARG B 20 7.24 -20.96 -14.23
N MET B 21 7.07 -19.83 -13.55
CA MET B 21 6.27 -18.76 -14.09
C MET B 21 7.11 -17.70 -14.73
N THR B 22 6.58 -17.09 -15.79
CA THR B 22 7.26 -16.04 -16.52
C THR B 22 7.08 -14.70 -15.82
N LEU B 23 8.20 -14.12 -15.38
CA LEU B 23 8.19 -12.83 -14.71
C LEU B 23 8.61 -11.71 -15.66
N PRO B 24 8.05 -10.51 -15.47
CA PRO B 24 7.07 -10.22 -14.42
C PRO B 24 5.64 -10.68 -14.70
N ALA B 25 4.88 -10.88 -13.63
CA ALA B 25 3.48 -11.29 -13.73
C ALA B 25 2.61 -10.07 -14.05
N LYS B 26 1.42 -10.33 -14.60
CA LYS B 26 0.50 -9.25 -14.94
C LYS B 26 -0.43 -8.91 -13.78
N TYR B 27 -0.80 -9.91 -13.00
CA TYR B 27 -1.68 -9.68 -11.87
C TYR B 27 -1.08 -10.06 -10.53
N GLY B 28 -1.67 -9.46 -9.50
CA GLY B 28 -1.32 -9.73 -8.13
C GLY B 28 -2.69 -10.10 -7.62
N ILE B 29 -2.90 -11.37 -7.27
CA ILE B 29 -4.21 -11.79 -6.80
C ILE B 29 -4.25 -12.06 -5.31
N ILE B 30 -5.18 -11.40 -4.64
CA ILE B 30 -5.34 -11.53 -3.20
C ILE B 30 -6.32 -12.66 -2.92
N ILE B 31 -5.88 -13.61 -2.10
CA ILE B 31 -6.70 -14.78 -1.75
C ILE B 31 -6.69 -15.05 -0.24
N HIS B 32 -7.63 -15.85 0.22
CA HIS B 32 -7.67 -16.26 1.61
C HIS B 32 -7.87 -17.76 1.61
N THR B 33 -7.16 -18.47 2.50
CA THR B 33 -7.26 -19.92 2.55
C THR B 33 -8.71 -20.35 2.79
N ALA B 34 -9.52 -19.43 3.32
CA ALA B 34 -10.91 -19.73 3.62
C ALA B 34 -10.94 -20.87 4.63
N GLY B 35 -9.92 -20.88 5.51
CA GLY B 35 -9.82 -21.89 6.52
C GLY B 35 -9.66 -21.27 7.89
N ARG B 36 -8.82 -21.89 8.73
CA ARG B 36 -8.59 -21.40 10.08
C ARG B 36 -7.51 -20.33 10.08
N THR B 37 -7.61 -19.39 11.01
CA THR B 37 -6.63 -18.33 11.13
C THR B 37 -5.61 -18.75 12.19
N CYS B 38 -4.34 -18.53 11.87
CA CYS B 38 -3.23 -18.87 12.78
C CYS B 38 -2.61 -17.54 13.27
N ASN B 39 -2.42 -17.41 14.58
CA ASN B 39 -1.87 -16.17 15.13
C ASN B 39 -0.44 -16.26 15.62
N ILE B 40 0.06 -17.48 15.83
CA ILE B 40 1.44 -17.67 16.27
C ILE B 40 2.16 -18.56 15.25
N SER B 41 3.46 -18.30 15.08
CA SER B 41 4.26 -19.05 14.12
C SER B 41 4.25 -20.58 14.23
N ASP B 42 4.27 -21.12 15.45
CA ASP B 42 4.25 -22.58 15.58
C ASP B 42 2.96 -23.13 14.98
N GLU B 43 1.96 -22.25 14.86
CA GLU B 43 0.67 -22.64 14.31
C GLU B 43 0.67 -22.40 12.79
N CYS B 44 1.11 -21.21 12.39
CA CYS B 44 1.15 -20.85 10.99
C CYS B 44 2.05 -21.74 10.14
N ARG B 45 3.29 -21.94 10.59
CA ARG B 45 4.22 -22.79 9.83
C ARG B 45 3.56 -24.14 9.57
N LEU B 46 3.02 -24.74 10.62
CA LEU B 46 2.35 -26.03 10.51
C LEU B 46 1.25 -25.95 9.47
N LEU B 47 0.45 -24.88 9.55
CA LEU B 47 -0.65 -24.70 8.63
C LEU B 47 -0.15 -24.77 7.17
N VAL B 48 0.89 -24.01 6.86
CA VAL B 48 1.43 -24.00 5.51
C VAL B 48 1.79 -25.41 5.02
N ARG B 49 2.32 -26.22 5.93
CA ARG B 49 2.69 -27.59 5.59
C ARG B 49 1.48 -28.41 5.20
N ASP B 50 0.40 -28.27 5.97
CA ASP B 50 -0.81 -29.01 5.64
C ASP B 50 -1.27 -28.61 4.25
N ILE B 51 -1.34 -27.31 3.99
CA ILE B 51 -1.77 -26.81 2.70
C ILE B 51 -0.98 -27.50 1.58
N GLN B 52 0.33 -27.53 1.71
CA GLN B 52 1.16 -28.19 0.70
C GLN B 52 0.78 -29.67 0.54
N SER B 53 0.68 -30.38 1.65
CA SER B 53 0.31 -31.80 1.58
C SER B 53 -1.09 -31.91 0.99
N PHE B 54 -1.97 -31.03 1.43
CA PHE B 54 -3.33 -31.04 0.91
C PHE B 54 -3.30 -30.91 -0.60
N TYR B 55 -2.46 -30.00 -1.11
CA TYR B 55 -2.33 -29.78 -2.55
C TYR B 55 -1.68 -30.94 -3.29
N ILE B 56 -0.60 -31.46 -2.73
CA ILE B 56 0.12 -32.56 -3.34
C ILE B 56 -0.62 -33.88 -3.11
N ASP B 57 -0.93 -34.15 -1.84
CA ASP B 57 -1.61 -35.39 -1.47
C ASP B 57 -3.02 -35.58 -2.01
N ARG B 58 -3.92 -34.68 -1.66
CA ARG B 58 -5.32 -34.78 -2.11
C ARG B 58 -5.63 -34.27 -3.51
N LEU B 59 -5.20 -33.06 -3.82
CA LEU B 59 -5.48 -32.47 -5.13
C LEU B 59 -4.52 -32.95 -6.22
N LYS B 60 -3.60 -33.84 -5.85
CA LYS B 60 -2.63 -34.39 -6.79
C LYS B 60 -1.95 -33.28 -7.60
N SER B 61 -1.81 -32.11 -6.99
CA SER B 61 -1.19 -30.98 -7.68
C SER B 61 0.32 -31.09 -7.54
N CYS B 62 1.05 -30.34 -8.37
CA CYS B 62 2.50 -30.39 -8.34
C CYS B 62 3.07 -29.87 -7.04
N ASP B 63 2.47 -28.80 -6.52
CA ASP B 63 2.92 -28.20 -5.27
C ASP B 63 1.85 -27.30 -4.66
N ILE B 64 2.15 -26.76 -3.48
CA ILE B 64 1.23 -25.86 -2.78
C ILE B 64 0.72 -24.85 -3.82
N GLY B 65 -0.56 -24.52 -3.76
CA GLY B 65 -1.15 -23.64 -4.75
C GLY B 65 -0.94 -22.14 -4.73
N TYR B 66 -0.25 -21.61 -3.73
CA TYR B 66 -0.05 -20.18 -3.64
C TYR B 66 1.40 -19.78 -3.73
N ASN B 67 1.66 -18.60 -4.28
CA ASN B 67 3.01 -18.11 -4.39
C ASN B 67 3.52 -17.75 -3.01
N PHE B 68 2.66 -17.11 -2.23
CA PHE B 68 2.99 -16.71 -0.87
C PHE B 68 1.80 -16.81 0.07
N LEU B 69 2.07 -16.93 1.36
CA LEU B 69 1.03 -17.02 2.37
C LEU B 69 1.41 -16.10 3.53
N VAL B 70 0.43 -15.34 4.01
CA VAL B 70 0.62 -14.41 5.10
C VAL B 70 -0.25 -14.80 6.29
N GLY B 71 0.37 -14.95 7.46
CA GLY B 71 -0.37 -15.30 8.66
C GLY B 71 -0.57 -14.07 9.55
N GLN B 72 -1.44 -14.18 10.55
CA GLN B 72 -1.70 -13.07 11.44
C GLN B 72 -0.50 -12.85 12.36
N ASP B 73 0.40 -13.82 12.38
CA ASP B 73 1.59 -13.71 13.19
C ASP B 73 2.47 -12.67 12.51
N GLY B 74 1.98 -12.13 11.40
CA GLY B 74 2.74 -11.12 10.68
C GLY B 74 3.93 -11.74 10.01
N ALA B 75 3.73 -12.96 9.53
CA ALA B 75 4.79 -13.68 8.84
C ALA B 75 4.41 -13.96 7.39
N ILE B 76 5.36 -13.77 6.49
CA ILE B 76 5.14 -14.05 5.09
C ILE B 76 5.82 -15.40 4.89
N TYR B 77 5.14 -16.33 4.23
CA TYR B 77 5.72 -17.65 4.01
C TYR B 77 5.80 -17.92 2.53
N GLU B 78 6.90 -18.52 2.11
CA GLU B 78 7.08 -18.85 0.70
C GLU B 78 6.27 -20.09 0.31
N GLY B 79 5.39 -19.94 -0.66
CA GLY B 79 4.61 -21.06 -1.15
C GLY B 79 5.48 -21.64 -2.25
N VAL B 80 5.15 -21.36 -3.51
CA VAL B 80 5.97 -21.83 -4.62
C VAL B 80 6.98 -20.74 -5.00
N GLY B 81 6.88 -19.57 -4.38
CA GLY B 81 7.81 -18.50 -4.65
C GLY B 81 7.59 -17.69 -5.92
N TRP B 82 8.46 -16.70 -6.12
CA TRP B 82 8.37 -15.80 -7.27
C TRP B 82 8.50 -16.49 -8.62
N ASN B 83 9.35 -17.51 -8.68
CA ASN B 83 9.63 -18.21 -9.92
C ASN B 83 8.78 -19.39 -10.35
N VAL B 84 7.81 -19.80 -9.55
CA VAL B 84 6.99 -20.94 -9.92
C VAL B 84 5.50 -20.62 -9.98
N GLN B 85 4.83 -21.08 -11.03
CA GLN B 85 3.40 -20.85 -11.19
C GLN B 85 2.59 -21.42 -10.04
N GLY B 86 1.62 -20.65 -9.57
CA GLY B 86 0.76 -21.13 -8.51
C GLY B 86 -0.30 -22.00 -9.17
N SER B 87 -1.36 -22.35 -8.44
CA SER B 87 -2.43 -23.17 -8.99
C SER B 87 -3.66 -22.90 -8.13
N SER B 88 -3.98 -21.63 -7.99
CA SER B 88 -5.11 -21.22 -7.17
C SER B 88 -6.14 -20.47 -7.99
N THR B 89 -5.75 -20.01 -9.17
CA THR B 89 -6.68 -19.29 -10.04
C THR B 89 -6.72 -19.82 -11.48
N PRO B 90 -7.55 -20.84 -11.72
CA PRO B 90 -7.66 -21.43 -13.06
C PRO B 90 -7.96 -20.31 -14.07
N GLY B 91 -7.03 -20.08 -15.00
CA GLY B 91 -7.23 -19.04 -15.99
C GLY B 91 -6.20 -17.92 -15.88
N TYR B 92 -5.58 -17.80 -14.69
CA TYR B 92 -4.58 -16.77 -14.45
C TYR B 92 -3.25 -17.24 -13.88
N ASP B 93 -3.19 -18.47 -13.39
CA ASP B 93 -1.98 -19.01 -12.78
C ASP B 93 -0.70 -18.80 -13.57
N ASP B 94 -0.82 -18.47 -14.84
CA ASP B 94 0.37 -18.26 -15.66
C ASP B 94 0.75 -16.78 -15.82
N ILE B 95 -0.03 -15.89 -15.19
CA ILE B 95 0.27 -14.46 -15.29
C ILE B 95 -0.01 -13.71 -14.00
N ALA B 96 -0.31 -14.45 -12.94
CA ALA B 96 -0.59 -13.82 -11.66
C ALA B 96 0.24 -14.41 -10.54
N LEU B 97 0.36 -13.64 -9.48
CA LEU B 97 1.09 -14.07 -8.29
C LEU B 97 0.04 -14.12 -7.20
N GLY B 98 -0.30 -15.33 -6.76
CA GLY B 98 -1.30 -15.47 -5.72
C GLY B 98 -0.72 -15.23 -4.36
N ILE B 99 -1.33 -14.33 -3.60
CA ILE B 99 -0.87 -14.06 -2.25
C ILE B 99 -2.10 -14.34 -1.40
N THR B 100 -1.99 -15.23 -0.42
CA THR B 100 -3.14 -15.56 0.41
C THR B 100 -2.91 -15.36 1.89
N PHE B 101 -3.90 -14.76 2.53
CA PHE B 101 -3.83 -14.57 3.96
C PHE B 101 -4.37 -15.88 4.45
N MET B 102 -3.86 -16.36 5.57
CA MET B 102 -4.33 -17.63 6.10
C MET B 102 -5.46 -17.41 7.09
N GLY B 103 -6.65 -17.84 6.71
CA GLY B 103 -7.80 -17.66 7.60
C GLY B 103 -9.02 -17.20 6.82
N THR B 104 -10.09 -16.89 7.53
CA THR B 104 -11.32 -16.42 6.91
C THR B 104 -11.53 -14.95 7.27
N PHE B 105 -11.83 -14.13 6.27
CA PHE B 105 -12.00 -12.71 6.54
C PHE B 105 -13.17 -12.07 5.80
N THR B 106 -14.37 -12.55 6.09
CA THR B 106 -15.58 -12.04 5.46
C THR B 106 -16.12 -10.82 6.22
N GLY B 107 -16.19 -10.90 7.54
CA GLY B 107 -16.73 -9.78 8.30
C GLY B 107 -15.65 -8.88 8.87
N ILE B 108 -14.46 -9.43 9.04
CA ILE B 108 -13.35 -8.67 9.59
C ILE B 108 -12.09 -8.97 8.78
N PRO B 109 -11.31 -7.93 8.45
CA PRO B 109 -10.08 -8.10 7.66
C PRO B 109 -8.91 -8.59 8.50
N PRO B 110 -7.80 -8.94 7.85
CA PRO B 110 -6.62 -9.41 8.60
C PRO B 110 -6.07 -8.27 9.46
N ASN B 111 -5.29 -8.59 10.48
CA ASN B 111 -4.75 -7.56 11.34
C ASN B 111 -3.70 -6.74 10.63
N ALA B 112 -3.40 -5.57 11.18
CA ALA B 112 -2.41 -4.65 10.61
C ALA B 112 -1.12 -5.36 10.21
N ALA B 113 -0.60 -6.21 11.11
CA ALA B 113 0.62 -6.96 10.87
C ALA B 113 0.54 -7.78 9.58
N ALA B 114 -0.54 -8.53 9.43
CA ALA B 114 -0.71 -9.33 8.23
C ALA B 114 -0.88 -8.41 7.02
N LEU B 115 -1.68 -7.36 7.18
CA LEU B 115 -1.93 -6.40 6.11
C LEU B 115 -0.64 -5.73 5.63
N GLU B 116 0.10 -5.16 6.57
CA GLU B 116 1.35 -4.48 6.26
C GLU B 116 2.26 -5.38 5.44
N ALA B 117 2.45 -6.60 5.93
CA ALA B 117 3.30 -7.57 5.26
C ALA B 117 2.91 -7.80 3.81
N ALA B 118 1.61 -7.97 3.57
CA ALA B 118 1.14 -8.23 2.21
C ALA B 118 1.58 -7.13 1.26
N GLN B 119 1.42 -5.88 1.68
CA GLN B 119 1.82 -4.76 0.84
C GLN B 119 3.34 -4.61 0.71
N ASP B 120 4.07 -4.85 1.79
CA ASP B 120 5.52 -4.73 1.71
C ASP B 120 5.99 -5.78 0.72
N LEU B 121 5.30 -6.90 0.67
CA LEU B 121 5.63 -7.96 -0.27
C LEU B 121 5.38 -7.49 -1.72
N ILE B 122 4.28 -6.76 -1.93
CA ILE B 122 3.92 -6.26 -3.26
C ILE B 122 4.96 -5.22 -3.67
N GLN B 123 5.29 -4.34 -2.73
CA GLN B 123 6.27 -3.30 -2.98
C GLN B 123 7.59 -3.97 -3.36
N CYS B 124 7.88 -5.09 -2.70
CA CYS B 124 9.09 -5.84 -2.97
C CYS B 124 9.05 -6.27 -4.44
N ALA B 125 8.01 -7.02 -4.80
CA ALA B 125 7.85 -7.51 -6.16
C ALA B 125 7.99 -6.37 -7.15
N MET B 126 7.53 -5.19 -6.76
CA MET B 126 7.59 -4.02 -7.61
C MET B 126 9.05 -3.60 -7.80
N VAL B 127 9.75 -3.47 -6.68
CA VAL B 127 11.15 -3.08 -6.70
C VAL B 127 12.00 -4.10 -7.44
N LYS B 128 11.76 -5.37 -7.16
CA LYS B 128 12.54 -6.43 -7.80
C LYS B 128 12.13 -6.72 -9.24
N GLY B 129 11.02 -6.14 -9.67
CA GLY B 129 10.58 -6.35 -11.04
C GLY B 129 9.80 -7.61 -11.32
N TYR B 130 9.24 -8.23 -10.28
CA TYR B 130 8.45 -9.45 -10.45
C TYR B 130 7.04 -9.12 -10.92
N LEU B 131 6.71 -7.84 -10.86
CA LEU B 131 5.41 -7.33 -11.29
C LEU B 131 5.71 -6.27 -12.32
N THR B 132 4.82 -6.14 -13.31
CA THR B 132 5.01 -5.14 -14.35
C THR B 132 4.69 -3.76 -13.80
N PRO B 133 5.28 -2.71 -14.41
CA PRO B 133 5.09 -1.32 -14.02
C PRO B 133 3.63 -0.94 -13.85
N ASN B 134 2.77 -1.58 -14.63
CA ASN B 134 1.36 -1.30 -14.56
C ASN B 134 0.57 -2.58 -14.27
N TYR B 135 0.96 -3.27 -13.22
CA TYR B 135 0.31 -4.51 -12.82
C TYR B 135 -1.07 -4.21 -12.26
N LEU B 136 -1.88 -5.25 -12.16
CA LEU B 136 -3.22 -5.13 -11.63
C LEU B 136 -3.31 -5.93 -10.33
N LEU B 137 -4.01 -5.37 -9.36
CA LEU B 137 -4.19 -6.03 -8.08
C LEU B 137 -5.66 -6.40 -8.08
N VAL B 138 -5.98 -7.64 -7.74
CA VAL B 138 -7.38 -8.04 -7.72
C VAL B 138 -7.69 -9.04 -6.62
N GLY B 139 -8.96 -9.16 -6.29
CA GLY B 139 -9.38 -10.11 -5.29
C GLY B 139 -9.68 -11.37 -6.05
N HIS B 140 -9.47 -12.52 -5.42
CA HIS B 140 -9.72 -13.78 -6.09
C HIS B 140 -11.14 -13.82 -6.66
N SER B 141 -12.09 -13.21 -5.95
CA SER B 141 -13.49 -13.18 -6.37
C SER B 141 -13.74 -12.43 -7.66
N ASP B 142 -12.78 -11.61 -8.08
CA ASP B 142 -12.95 -10.85 -9.31
C ASP B 142 -12.58 -11.69 -10.51
N VAL B 143 -11.76 -12.69 -10.29
CA VAL B 143 -11.32 -13.55 -11.37
C VAL B 143 -11.78 -15.00 -11.16
N ALA B 144 -12.70 -15.19 -10.23
CA ALA B 144 -13.22 -16.52 -9.94
C ALA B 144 -14.52 -16.44 -9.13
N ARG B 145 -15.54 -17.13 -9.60
CA ARG B 145 -16.84 -17.14 -8.92
C ARG B 145 -16.71 -17.74 -7.51
N THR B 146 -16.42 -16.88 -6.54
CA THR B 146 -16.28 -17.33 -5.16
C THR B 146 -16.03 -16.16 -4.21
N LEU B 147 -16.66 -16.21 -3.04
CA LEU B 147 -16.52 -15.18 -2.03
C LEU B 147 -15.06 -14.80 -1.87
N SER B 148 -14.19 -15.83 -1.87
CA SER B 148 -12.74 -15.65 -1.75
C SER B 148 -12.38 -14.38 -2.52
N PRO B 149 -11.66 -13.45 -1.86
CA PRO B 149 -11.15 -13.44 -0.49
C PRO B 149 -12.09 -13.07 0.68
N GLY B 150 -13.32 -12.66 0.41
CA GLY B 150 -14.20 -12.30 1.51
C GLY B 150 -14.30 -10.79 1.72
N GLN B 151 -15.53 -10.30 1.73
CA GLN B 151 -15.87 -8.89 1.88
C GLN B 151 -14.92 -7.98 2.66
N ALA B 152 -14.78 -8.22 3.96
CA ALA B 152 -13.91 -7.40 4.79
C ALA B 152 -12.52 -7.23 4.16
N LEU B 153 -11.90 -8.35 3.77
CA LEU B 153 -10.58 -8.31 3.15
C LEU B 153 -10.68 -7.52 1.84
N TYR B 154 -11.69 -7.83 1.05
CA TYR B 154 -11.91 -7.16 -0.23
C TYR B 154 -12.00 -5.65 -0.06
N ASN B 155 -12.87 -5.21 0.84
CA ASN B 155 -13.04 -3.78 1.10
C ASN B 155 -11.69 -3.11 1.34
N ILE B 156 -10.75 -3.86 1.90
CA ILE B 156 -9.43 -3.31 2.17
C ILE B 156 -8.52 -3.23 0.96
N ILE B 157 -8.33 -4.33 0.24
CA ILE B 157 -7.45 -4.30 -0.91
C ILE B 157 -7.92 -3.32 -1.96
N SER B 158 -9.20 -2.99 -1.93
CA SER B 158 -9.77 -2.03 -2.89
C SER B 158 -9.12 -0.66 -2.69
N THR B 159 -8.40 -0.50 -1.58
CA THR B 159 -7.73 0.77 -1.28
C THR B 159 -6.23 0.68 -1.52
N TRP B 160 -5.78 -0.44 -2.10
CA TRP B 160 -4.36 -0.66 -2.39
C TRP B 160 -3.97 -0.19 -3.79
N PRO B 161 -2.70 0.18 -3.99
CA PRO B 161 -2.21 0.66 -5.29
C PRO B 161 -2.55 -0.30 -6.43
N HIS B 162 -3.02 0.26 -7.54
CA HIS B 162 -3.36 -0.51 -8.72
C HIS B 162 -4.53 -1.47 -8.52
N PHE B 163 -5.35 -1.24 -7.49
CA PHE B 163 -6.46 -2.16 -7.31
C PHE B 163 -7.31 -2.05 -8.55
N LYS B 164 -7.45 -3.15 -9.26
CA LYS B 164 -8.23 -3.17 -10.48
C LYS B 164 -9.71 -3.26 -10.17
N HIS B 165 -10.22 -2.27 -9.45
CA HIS B 165 -11.63 -2.29 -9.13
C HIS B 165 -12.40 -2.20 -10.43
NI NI C . 1.96 2.71 -9.68
NI NI D . 5.72 -2.96 11.15
NI NI E . 9.73 -2.41 2.43
NI NI F . -8.68 -18.48 -3.83
NI NI G . -4.54 -16.63 -20.40
NI NI H . -7.82 2.33 -8.98
#